data_9J8A
#
_entry.id   9J8A
#
_cell.length_a   50.129
_cell.length_b   70.943
_cell.length_c   60.984
_cell.angle_alpha   90.00
_cell.angle_beta   97.93
_cell.angle_gamma   90.00
#
_symmetry.space_group_name_H-M   'P 1 21 1'
#
loop_
_entity.id
_entity.type
_entity.pdbx_description
1 polymer 'Heavy chain of BA8 Fab'
2 polymer 'Light Chain of Fab BA8'
3 polymer 'Sulfated peptide from CCR5'
4 water water
#
loop_
_entity_poly.entity_id
_entity_poly.type
_entity_poly.pdbx_seq_one_letter_code
_entity_poly.pdbx_strand_id
1 'polypeptide(L)'
;QSLEESGGGLFKPTDTLTLTCTVSGFSLSSYSIRWVRQAPGNGLEWIGAIGSGGNAYYTSWAKSRSTITRNTNENTVTLK
MTSLTVADTATYFCARGGINFGIWGPGTLVTVSSGQPKAPSVFPLAPCCGDTPSSTVTLGCLVKGYLPEPVTVTWNSGTL
TNGVRTFPSVRQSSGLYSLSSVVSVTSSSQPVTCNVAHPATNTKVDKTVAPSTCSKPGGSHHHHHH
;
H
2 'polypeptide(L)'
;AAVLTQTPSPVSAAVGSTVTINCQSSQSVYSKNWLSWFQQKPGQPPKQLIYSASTLDSGVPSRFSGSGSGTQFTLTISGV
QCDDAATYYCQGTYGDASAFGGGTEVVVKGDPVAPTVLIFPPSADLVATGTVTIVCVANKYFPDVTVTWEVDGTTQTTGI
ENSKTPQNSADCTYNLSSTLTLTSTQYNSHKEYTCKVTQGTTSVVQSFNRGDC
;
L
3 'polypeptide(L)' PI(TYS)DIN(TYS)(TYS)TSE P
#
# COMPACT_ATOMS: atom_id res chain seq x y z
N GLN A 1 -8.27 -12.93 19.82
CA GLN A 1 -7.47 -11.73 20.24
C GLN A 1 -7.26 -10.88 19.00
N SER A 2 -7.92 -9.74 18.95
CA SER A 2 -7.92 -8.91 17.76
C SER A 2 -8.25 -7.48 18.16
N LEU A 3 -7.89 -6.55 17.26
CA LEU A 3 -8.12 -5.12 17.44
C LEU A 3 -8.63 -4.56 16.12
N GLU A 4 -9.44 -3.51 16.22
CA GLU A 4 -9.99 -2.83 15.06
C GLU A 4 -9.98 -1.33 15.30
N GLU A 5 -9.31 -0.59 14.42
CA GLU A 5 -9.34 0.87 14.45
C GLU A 5 -10.56 1.40 13.70
N SER A 6 -11.14 2.48 14.23
CA SER A 6 -12.17 3.24 13.52
C SER A 6 -11.97 4.72 13.79
N GLY A 7 -12.61 5.56 12.94
CA GLY A 7 -12.54 7.01 13.10
C GLY A 7 -11.68 7.70 12.05
N GLY A 8 -11.13 6.94 11.11
CA GLY A 8 -10.28 7.50 10.07
C GLY A 8 -11.09 8.22 9.00
N GLY A 9 -10.40 8.64 7.92
CA GLY A 9 -11.08 9.34 6.84
C GLY A 9 -10.43 10.69 6.61
N LEU A 10 -11.23 11.64 6.15
CA LEU A 10 -10.71 12.93 5.72
C LEU A 10 -10.95 13.97 6.81
N PHE A 11 -9.91 14.78 7.06
CA PHE A 11 -9.99 15.84 8.05
C PHE A 11 -9.34 17.07 7.45
N LYS A 12 -9.76 18.24 7.93
CA LYS A 12 -9.13 19.49 7.57
C LYS A 12 -8.05 19.84 8.59
N PRO A 13 -7.03 20.62 8.20
CA PRO A 13 -6.06 21.17 9.15
C PRO A 13 -6.81 21.92 10.25
N THR A 14 -6.29 21.80 11.48
CA THR A 14 -6.86 22.37 12.71
C THR A 14 -7.91 21.44 13.33
N ASP A 15 -8.46 20.45 12.60
CA ASP A 15 -9.47 19.55 13.17
C ASP A 15 -8.86 18.66 14.26
N THR A 16 -9.74 17.99 14.99
CA THR A 16 -9.32 17.00 15.96
C THR A 16 -9.57 15.59 15.42
N LEU A 17 -8.56 14.73 15.59
CA LEU A 17 -8.69 13.32 15.24
C LEU A 17 -9.14 12.57 16.48
N THR A 18 -10.15 11.70 16.35
CA THR A 18 -10.53 10.80 17.44
C THR A 18 -10.61 9.37 16.89
N LEU A 19 -9.59 8.56 17.21
CA LEU A 19 -9.57 7.15 16.78
C LEU A 19 -9.98 6.27 17.95
N THR A 20 -10.76 5.25 17.63
CA THR A 20 -11.16 4.25 18.58
C THR A 20 -10.50 2.95 18.19
N CYS A 21 -9.88 2.29 19.17
CA CYS A 21 -9.37 0.95 19.05
C CYS A 21 -10.31 0.02 19.79
N THR A 22 -11.01 -0.86 19.08
CA THR A 22 -11.93 -1.79 19.70
C THR A 22 -11.26 -3.15 19.76
N VAL A 23 -11.19 -3.72 20.98
CA VAL A 23 -10.50 -4.97 21.19
C VAL A 23 -11.51 -6.09 21.43
N SER A 24 -11.09 -7.33 21.09
CA SER A 24 -11.88 -8.54 21.24
C SER A 24 -10.96 -9.68 21.65
N GLY A 25 -11.43 -10.49 22.62
CA GLY A 25 -10.79 -11.75 22.95
C GLY A 25 -9.60 -11.59 23.90
N PHE A 26 -9.41 -10.40 24.51
CA PHE A 26 -8.47 -10.28 25.63
C PHE A 26 -8.92 -9.09 26.45
N SER A 27 -8.40 -8.97 27.68
CA SER A 27 -8.80 -7.90 28.57
C SER A 27 -7.79 -6.75 28.56
N LEU A 28 -8.32 -5.52 28.47
CA LEU A 28 -7.54 -4.29 28.58
C LEU A 28 -6.84 -4.22 29.94
N SER A 29 -7.37 -4.91 30.95
CA SER A 29 -6.82 -4.86 32.29
C SER A 29 -5.56 -5.70 32.42
N SER A 30 -5.22 -6.48 31.38
CA SER A 30 -4.03 -7.29 31.40
C SER A 30 -2.98 -6.86 30.38
N TYR A 31 -3.27 -5.85 29.53
CA TYR A 31 -2.35 -5.53 28.44
C TYR A 31 -2.23 -4.02 28.25
N SER A 32 -1.08 -3.60 27.73
CA SER A 32 -0.94 -2.28 27.15
C SER A 32 -1.51 -2.32 25.73
N ILE A 33 -1.94 -1.14 25.25
CA ILE A 33 -2.32 -0.91 23.87
C ILE A 33 -1.47 0.24 23.33
N ARG A 34 -0.79 0.02 22.22
CA ARG A 34 0.09 1.03 21.65
C ARG A 34 -0.51 1.61 20.37
N TRP A 35 -0.26 2.90 20.11
CA TRP A 35 -0.66 3.52 18.86
C TRP A 35 0.61 3.79 18.05
N VAL A 36 0.54 3.39 16.78
CA VAL A 36 1.64 3.52 15.84
C VAL A 36 1.08 4.14 14.57
N ARG A 37 1.83 5.04 13.92
CA ARG A 37 1.40 5.52 12.62
C ARG A 37 2.52 5.41 11.60
N GLN A 38 2.08 5.46 10.35
CA GLN A 38 2.99 5.36 9.23
C GLN A 38 2.53 6.31 8.13
N ALA A 39 3.31 7.35 7.90
CA ALA A 39 3.04 8.25 6.79
C ALA A 39 3.26 7.54 5.46
N PRO A 40 2.55 7.91 4.38
CA PRO A 40 2.68 7.20 3.10
C PRO A 40 4.14 7.13 2.66
N GLY A 41 4.61 5.90 2.45
CA GLY A 41 5.95 5.69 1.95
C GLY A 41 7.04 5.84 3.02
N ASN A 42 6.67 6.01 4.30
CA ASN A 42 7.65 6.28 5.35
C ASN A 42 7.66 5.15 6.36
N GLY A 43 8.26 5.44 7.52
CA GLY A 43 8.55 4.45 8.56
C GLY A 43 7.42 4.36 9.57
N LEU A 44 7.52 3.35 10.41
CA LEU A 44 6.64 3.20 11.55
C LEU A 44 7.10 4.11 12.69
N GLU A 45 6.11 4.72 13.36
CA GLU A 45 6.40 5.59 14.48
C GLU A 45 5.46 5.33 15.65
N TRP A 46 6.03 5.11 16.83
CA TRP A 46 5.23 4.99 18.04
C TRP A 46 4.76 6.37 18.49
N ILE A 47 3.44 6.47 18.70
CA ILE A 47 2.81 7.73 19.11
C ILE A 47 2.72 7.76 20.63
N GLY A 48 2.25 6.66 21.19
CA GLY A 48 1.97 6.58 22.61
C GLY A 48 1.28 5.27 22.92
N ALA A 49 0.91 5.10 24.18
CA ALA A 49 0.31 3.85 24.62
C ALA A 49 -0.50 4.10 25.88
N ILE A 50 -1.33 3.13 26.26
CA ILE A 50 -1.94 3.12 27.57
C ILE A 50 -1.67 1.74 28.15
N GLY A 51 -1.25 1.73 29.42
CA GLY A 51 -0.92 0.53 30.15
C GLY A 51 -2.17 -0.17 30.73
N SER A 52 -1.92 -1.37 31.26
CA SER A 52 -2.93 -2.24 31.83
C SER A 52 -3.67 -1.55 32.98
N GLY A 53 -3.07 -0.54 33.62
CA GLY A 53 -3.70 0.24 34.68
C GLY A 53 -4.31 1.57 34.24
N GLY A 54 -4.27 1.90 32.94
CA GLY A 54 -4.98 3.04 32.43
C GLY A 54 -4.18 4.34 32.38
N ASN A 55 -2.87 4.25 32.61
CA ASN A 55 -2.03 5.42 32.52
C ASN A 55 -1.41 5.44 31.12
N ALA A 56 -1.28 6.65 30.56
CA ALA A 56 -0.81 6.81 29.20
C ALA A 56 0.65 7.27 29.17
N TYR A 57 1.29 6.97 28.03
CA TYR A 57 2.64 7.37 27.68
C TYR A 57 2.60 7.95 26.27
N TYR A 58 3.45 8.95 26.02
CA TYR A 58 3.48 9.69 24.76
C TYR A 58 4.89 10.02 24.29
N THR A 59 5.08 10.09 22.97
CA THR A 59 6.32 10.55 22.38
C THR A 59 6.36 12.06 22.54
N SER A 60 7.57 12.67 22.46
CA SER A 60 7.74 14.07 22.75
C SER A 60 6.79 14.93 21.93
N TRP A 61 6.59 14.66 20.63
CA TRP A 61 5.81 15.56 19.80
C TRP A 61 4.31 15.42 20.06
N ALA A 62 3.90 14.24 20.55
CA ALA A 62 2.50 13.90 20.77
C ALA A 62 1.95 14.43 22.11
N LYS A 63 2.83 14.59 23.10
CA LYS A 63 2.42 14.68 24.50
C LYS A 63 1.48 15.87 24.74
N SER A 64 1.81 16.97 24.09
CA SER A 64 1.13 18.21 24.33
C SER A 64 -0.13 18.38 23.48
N ARG A 65 -0.45 17.42 22.58
CA ARG A 65 -1.68 17.53 21.80
C ARG A 65 -2.36 16.19 21.62
N SER A 66 -2.01 15.20 22.47
CA SER A 66 -2.63 13.90 22.38
C SER A 66 -3.16 13.47 23.74
N THR A 67 -4.28 12.74 23.74
CA THR A 67 -4.78 12.08 24.92
C THR A 67 -5.13 10.63 24.57
N ILE A 68 -4.67 9.70 25.38
CA ILE A 68 -5.02 8.30 25.21
C ILE A 68 -5.74 7.84 26.46
N THR A 69 -6.97 7.34 26.25
CA THR A 69 -7.85 6.90 27.32
C THR A 69 -8.40 5.53 26.95
N ARG A 70 -9.14 4.91 27.88
CA ARG A 70 -9.77 3.64 27.61
C ARG A 70 -11.10 3.54 28.35
N ASN A 71 -11.93 2.62 27.88
CA ASN A 71 -13.17 2.24 28.53
C ASN A 71 -13.16 0.72 28.68
N THR A 72 -12.85 0.21 29.89
CA THR A 72 -12.67 -1.23 30.03
C THR A 72 -14.00 -1.98 29.85
N ASN A 73 -15.11 -1.34 30.19
CA ASN A 73 -16.41 -1.99 30.03
C ASN A 73 -16.82 -2.09 28.55
N GLU A 74 -16.36 -1.15 27.72
CA GLU A 74 -16.72 -1.14 26.31
C GLU A 74 -15.59 -1.68 25.42
N ASN A 75 -14.49 -2.14 26.03
CA ASN A 75 -13.39 -2.76 25.30
C ASN A 75 -12.77 -1.79 24.28
N THR A 76 -12.65 -0.52 24.63
CA THR A 76 -12.09 0.46 23.71
C THR A 76 -10.90 1.17 24.34
N VAL A 77 -10.03 1.65 23.44
CA VAL A 77 -8.99 2.62 23.71
C VAL A 77 -9.14 3.75 22.70
N THR A 78 -9.02 4.99 23.17
CA THR A 78 -9.24 6.16 22.33
C THR A 78 -7.97 7.00 22.25
N LEU A 79 -7.60 7.38 21.02
CA LEU A 79 -6.59 8.39 20.77
C LEU A 79 -7.28 9.67 20.27
N LYS A 80 -7.05 10.77 21.01
CA LYS A 80 -7.51 12.09 20.59
C LYS A 80 -6.29 12.94 20.30
N MET A 81 -6.21 13.53 19.10
CA MET A 81 -5.05 14.32 18.72
C MET A 81 -5.55 15.62 18.11
N THR A 82 -5.17 16.76 18.70
CA THR A 82 -5.72 18.05 18.27
C THR A 82 -4.76 18.69 17.27
N SER A 83 -5.25 19.73 16.60
CA SER A 83 -4.46 20.59 15.72
C SER A 83 -3.79 19.81 14.59
N LEU A 84 -4.60 19.04 13.85
CA LEU A 84 -4.12 18.28 12.71
C LEU A 84 -3.49 19.20 11.67
N THR A 85 -2.35 18.75 11.13
CA THR A 85 -1.72 19.32 9.95
C THR A 85 -1.63 18.20 8.92
N VAL A 86 -1.34 18.57 7.67
CA VAL A 86 -1.30 17.60 6.59
CA VAL A 86 -1.29 17.62 6.58
C VAL A 86 -0.24 16.54 6.91
N ALA A 87 0.78 16.94 7.67
CA ALA A 87 1.83 16.00 8.05
C ALA A 87 1.34 14.89 8.98
N ASP A 88 0.12 15.01 9.55
CA ASP A 88 -0.48 13.95 10.33
C ASP A 88 -1.15 12.88 9.45
N THR A 89 -1.08 13.07 8.13
CA THR A 89 -1.62 12.11 7.17
C THR A 89 -0.84 10.81 7.35
N ALA A 90 -1.54 9.71 7.61
CA ALA A 90 -0.88 8.44 7.89
C ALA A 90 -1.92 7.34 8.06
N THR A 91 -1.47 6.08 7.97
CA THR A 91 -2.22 4.96 8.51
C THR A 91 -1.90 4.89 10.01
N TYR A 92 -2.94 4.74 10.81
CA TYR A 92 -2.84 4.69 12.27
C TYR A 92 -3.26 3.28 12.70
N PHE A 93 -2.43 2.60 13.50
CA PHE A 93 -2.68 1.23 13.98
C PHE A 93 -2.78 1.29 15.49
N CYS A 94 -3.63 0.43 16.08
CA CYS A 94 -3.46 0.06 17.48
C CYS A 94 -2.97 -1.38 17.52
N ALA A 95 -2.24 -1.73 18.57
CA ALA A 95 -1.59 -3.03 18.70
C ALA A 95 -1.44 -3.39 20.18
N ARG A 96 -1.46 -4.69 20.45
CA ARG A 96 -1.43 -5.16 21.83
C ARG A 96 0.00 -5.32 22.32
N GLY A 97 0.35 -4.57 23.36
CA GLY A 97 1.69 -4.58 23.92
C GLY A 97 1.97 -5.85 24.71
N GLY A 98 3.18 -5.91 25.26
CA GLY A 98 3.76 -7.13 25.82
C GLY A 98 4.96 -7.55 24.99
N ILE A 99 5.76 -8.46 25.53
CA ILE A 99 6.98 -8.87 24.83
C ILE A 99 6.62 -9.45 23.46
N ASN A 100 5.47 -10.11 23.35
CA ASN A 100 4.99 -10.58 22.07
C ASN A 100 4.05 -9.52 21.47
N PHE A 101 4.59 -8.76 20.50
CA PHE A 101 3.96 -7.58 19.95
C PHE A 101 3.41 -7.88 18.55
N GLY A 102 2.82 -9.07 18.37
CA GLY A 102 2.44 -9.57 17.05
C GLY A 102 1.00 -9.24 16.62
N ILE A 103 0.13 -8.79 17.54
CA ILE A 103 -1.29 -8.59 17.26
C ILE A 103 -1.58 -7.09 17.08
N TRP A 104 -1.78 -6.72 15.81
CA TRP A 104 -2.14 -5.37 15.43
C TRP A 104 -3.52 -5.33 14.82
N GLY A 105 -4.14 -4.16 14.85
CA GLY A 105 -5.31 -3.95 14.05
C GLY A 105 -4.92 -3.83 12.58
N PRO A 106 -5.89 -3.83 11.66
CA PRO A 106 -5.60 -3.64 10.23
C PRO A 106 -5.13 -2.25 9.80
N GLY A 107 -5.31 -1.26 10.68
CA GLY A 107 -4.93 0.11 10.36
C GLY A 107 -6.11 0.89 9.78
N THR A 108 -6.12 2.21 10.04
CA THR A 108 -7.09 3.09 9.41
C THR A 108 -6.36 4.32 8.90
N LEU A 109 -6.72 4.70 7.66
CA LEU A 109 -6.02 5.78 6.97
C LEU A 109 -6.62 7.11 7.40
N VAL A 110 -5.76 8.01 7.85
CA VAL A 110 -6.15 9.38 8.18
C VAL A 110 -5.55 10.27 7.11
N THR A 111 -6.40 11.09 6.46
CA THR A 111 -5.96 12.06 5.48
C THR A 111 -6.31 13.46 6.00
N VAL A 112 -5.28 14.31 6.13
CA VAL A 112 -5.51 15.71 6.45
C VAL A 112 -5.26 16.51 5.18
N SER A 113 -6.32 17.23 4.74
CA SER A 113 -6.31 17.93 3.48
C SER A 113 -7.37 19.03 3.52
N SER A 114 -7.10 20.15 2.85
CA SER A 114 -8.14 21.16 2.68
C SER A 114 -9.11 20.79 1.55
N GLY A 115 -8.84 19.73 0.78
CA GLY A 115 -9.74 19.36 -0.31
C GLY A 115 -11.04 18.73 0.17
N GLN A 116 -12.09 18.82 -0.67
CA GLN A 116 -13.37 18.25 -0.32
C GLN A 116 -13.42 16.78 -0.72
N PRO A 117 -14.18 15.90 -0.05
CA PRO A 117 -14.28 14.50 -0.43
C PRO A 117 -14.84 14.35 -1.83
N LYS A 118 -14.42 13.29 -2.51
CA LYS A 118 -14.87 13.01 -3.86
C LYS A 118 -14.84 11.48 -4.04
N ALA A 119 -15.96 10.93 -4.49
CA ALA A 119 -16.03 9.51 -4.78
C ALA A 119 -15.41 9.20 -6.16
N PRO A 120 -14.83 8.01 -6.32
CA PRO A 120 -14.24 7.61 -7.58
C PRO A 120 -15.22 7.35 -8.72
N SER A 121 -14.82 7.75 -9.91
CA SER A 121 -15.42 7.26 -11.15
C SER A 121 -14.59 6.09 -11.66
N VAL A 122 -15.28 5.08 -12.26
CA VAL A 122 -14.62 3.86 -12.66
C VAL A 122 -14.87 3.65 -14.15
N PHE A 123 -13.80 3.27 -14.84
CA PHE A 123 -13.84 3.07 -16.27
C PHE A 123 -13.19 1.75 -16.62
N PRO A 124 -13.83 0.98 -17.55
CA PRO A 124 -13.33 -0.32 -17.96
C PRO A 124 -12.10 -0.16 -18.83
N LEU A 125 -11.17 -1.11 -18.67
CA LEU A 125 -10.00 -1.20 -19.52
C LEU A 125 -10.05 -2.49 -20.33
N ALA A 126 -10.11 -2.33 -21.66
CA ALA A 126 -10.16 -3.45 -22.56
C ALA A 126 -9.33 -3.13 -23.80
N PRO A 127 -8.75 -4.14 -24.48
CA PRO A 127 -7.97 -3.85 -25.70
C PRO A 127 -8.79 -3.24 -26.83
N CYS A 128 -8.14 -2.37 -27.60
CA CYS A 128 -8.70 -1.77 -28.79
C CYS A 128 -9.12 -2.85 -29.79
N CYS A 129 -10.34 -2.67 -30.31
CA CYS A 129 -10.93 -3.54 -31.32
C CYS A 129 -9.99 -3.66 -32.52
N GLY A 130 -9.90 -4.86 -33.10
CA GLY A 130 -9.23 -4.97 -34.40
C GLY A 130 -8.16 -6.08 -34.49
N ASP A 131 -7.64 -6.57 -33.35
CA ASP A 131 -6.71 -7.68 -33.39
C ASP A 131 -7.46 -8.99 -33.29
N THR A 132 -6.72 -10.08 -33.56
CA THR A 132 -7.18 -11.44 -33.30
C THR A 132 -7.33 -11.62 -31.79
N PRO A 133 -8.49 -12.11 -31.31
CA PRO A 133 -8.66 -12.44 -29.89
C PRO A 133 -8.00 -13.77 -29.54
N THR A 136 -6.26 -15.95 -23.97
CA THR A 136 -6.48 -15.25 -22.67
C THR A 136 -6.43 -13.74 -22.93
N VAL A 137 -7.05 -12.94 -22.05
CA VAL A 137 -6.98 -11.49 -22.20
C VAL A 137 -6.79 -10.87 -20.83
N THR A 138 -6.12 -9.71 -20.79
CA THR A 138 -6.00 -8.92 -19.58
C THR A 138 -6.97 -7.73 -19.69
N LEU A 139 -7.79 -7.59 -18.65
CA LEU A 139 -8.80 -6.55 -18.60
C LEU A 139 -8.58 -5.78 -17.31
N GLY A 140 -9.23 -4.62 -17.17
CA GLY A 140 -8.95 -3.79 -16.02
C GLY A 140 -10.02 -2.74 -15.75
N CYS A 141 -9.84 -2.02 -14.63
CA CYS A 141 -10.64 -0.85 -14.30
C CYS A 141 -9.71 0.26 -13.84
N LEU A 142 -9.97 1.44 -14.37
CA LEU A 142 -9.34 2.66 -13.92
C LEU A 142 -10.25 3.30 -12.90
N VAL A 143 -9.66 3.66 -11.75
CA VAL A 143 -10.41 4.23 -10.65
C VAL A 143 -9.82 5.60 -10.38
N LYS A 144 -10.62 6.66 -10.63
CA LYS A 144 -10.01 7.98 -10.62
C LYS A 144 -10.89 9.03 -9.95
N GLY A 145 -10.23 10.13 -9.58
CA GLY A 145 -10.91 11.32 -9.13
C GLY A 145 -11.39 11.23 -7.67
N TYR A 146 -10.74 10.45 -6.82
CA TYR A 146 -11.24 10.29 -5.46
C TYR A 146 -10.34 10.92 -4.39
N LEU A 147 -10.98 11.20 -3.24
CA LEU A 147 -10.35 11.76 -2.06
C LEU A 147 -11.29 11.48 -0.90
N PRO A 148 -10.81 10.97 0.26
CA PRO A 148 -9.42 10.56 0.48
C PRO A 148 -9.18 9.11 0.06
N GLU A 149 -7.95 8.64 0.22
CA GLU A 149 -7.70 7.21 0.19
C GLU A 149 -8.36 6.53 1.39
N PRO A 150 -8.60 5.21 1.39
CA PRO A 150 -8.39 4.33 0.24
C PRO A 150 -9.64 4.05 -0.59
N VAL A 151 -9.43 3.34 -1.69
CA VAL A 151 -10.48 2.52 -2.28
C VAL A 151 -10.10 1.05 -2.08
N THR A 152 -11.12 0.17 -2.13
CA THR A 152 -10.90 -1.25 -2.33
C THR A 152 -11.35 -1.63 -3.73
N VAL A 153 -10.67 -2.62 -4.31
CA VAL A 153 -11.00 -3.17 -5.61
C VAL A 153 -10.92 -4.69 -5.50
N THR A 154 -12.02 -5.34 -5.84
CA THR A 154 -12.07 -6.80 -6.04
C THR A 154 -12.52 -7.08 -7.46
N TRP A 155 -12.42 -8.37 -7.81
CA TRP A 155 -12.87 -8.88 -9.09
C TRP A 155 -13.83 -10.04 -8.84
N ASN A 156 -15.00 -9.99 -9.50
CA ASN A 156 -16.06 -10.97 -9.32
C ASN A 156 -16.26 -11.24 -7.82
N SER A 157 -16.40 -10.13 -7.09
CA SER A 157 -16.72 -10.11 -5.68
C SER A 157 -15.65 -10.85 -4.87
N GLY A 158 -14.41 -10.89 -5.36
CA GLY A 158 -13.35 -11.55 -4.61
C GLY A 158 -13.16 -13.02 -4.95
N THR A 159 -13.94 -13.58 -5.89
CA THR A 159 -13.73 -14.96 -6.31
C THR A 159 -12.58 -15.04 -7.32
N LEU A 160 -12.20 -13.91 -7.91
CA LEU A 160 -11.17 -13.92 -8.94
C LEU A 160 -9.98 -13.16 -8.36
N THR A 161 -8.90 -13.87 -8.03
CA THR A 161 -7.77 -13.26 -7.34
C THR A 161 -6.45 -13.58 -8.03
N ASN A 162 -6.39 -14.68 -8.79
CA ASN A 162 -5.13 -15.10 -9.38
C ASN A 162 -4.71 -14.14 -10.50
N GLY A 163 -3.53 -13.52 -10.30
CA GLY A 163 -2.93 -12.63 -11.27
C GLY A 163 -3.58 -11.24 -11.28
N VAL A 164 -4.28 -10.87 -10.19
CA VAL A 164 -4.79 -9.52 -10.07
C VAL A 164 -3.60 -8.65 -9.71
N ARG A 165 -3.47 -7.52 -10.40
CA ARG A 165 -2.47 -6.51 -10.08
C ARG A 165 -3.20 -5.19 -9.84
N THR A 166 -3.24 -4.72 -8.60
CA THR A 166 -3.84 -3.44 -8.29
C THR A 166 -2.69 -2.52 -7.92
N PHE A 167 -2.49 -1.48 -8.72
CA PHE A 167 -1.32 -0.63 -8.60
C PHE A 167 -1.47 0.30 -7.41
N PRO A 168 -0.34 0.80 -6.86
CA PRO A 168 -0.42 1.83 -5.81
C PRO A 168 -1.12 3.06 -6.38
N SER A 169 -1.85 3.77 -5.54
CA SER A 169 -2.49 5.02 -5.96
C SER A 169 -1.44 6.07 -6.25
N VAL A 170 -1.80 7.06 -7.07
CA VAL A 170 -0.95 8.23 -7.27
C VAL A 170 -1.80 9.48 -7.03
N ARG A 171 -1.27 10.41 -6.24
CA ARG A 171 -1.94 11.69 -6.00
CA ARG A 171 -1.94 11.69 -6.00
C ARG A 171 -1.63 12.64 -7.15
N GLN A 172 -2.67 13.20 -7.77
CA GLN A 172 -2.57 14.13 -8.90
C GLN A 172 -2.41 15.54 -8.33
N SER A 173 -2.16 16.51 -9.21
CA SER A 173 -1.91 17.88 -8.80
C SER A 173 -3.17 18.49 -8.18
N SER A 174 -4.32 17.99 -8.63
CA SER A 174 -5.65 18.30 -8.13
C SER A 174 -5.82 17.93 -6.65
N GLY A 175 -4.94 17.09 -6.13
CA GLY A 175 -5.13 16.52 -4.82
C GLY A 175 -5.94 15.22 -4.84
N LEU A 176 -6.51 14.87 -6.01
CA LEU A 176 -7.27 13.63 -6.13
C LEU A 176 -6.35 12.44 -6.39
N TYR A 177 -6.86 11.23 -6.14
CA TYR A 177 -6.09 10.03 -6.35
C TYR A 177 -6.66 9.22 -7.53
N SER A 178 -5.79 8.40 -8.13
CA SER A 178 -6.24 7.40 -9.09
C SER A 178 -5.35 6.17 -9.05
N LEU A 179 -5.93 5.05 -9.46
CA LEU A 179 -5.17 3.82 -9.66
C LEU A 179 -5.89 2.98 -10.69
N SER A 180 -5.20 1.94 -11.21
CA SER A 180 -5.83 0.90 -12.02
C SER A 180 -5.61 -0.47 -11.40
N SER A 181 -6.54 -1.39 -11.71
CA SER A 181 -6.45 -2.80 -11.42
C SER A 181 -6.62 -3.59 -12.70
N VAL A 182 -5.77 -4.60 -12.93
CA VAL A 182 -5.87 -5.43 -14.11
C VAL A 182 -5.89 -6.89 -13.66
N VAL A 183 -6.55 -7.71 -14.48
CA VAL A 183 -6.59 -9.14 -14.21
C VAL A 183 -6.53 -9.90 -15.52
N SER A 184 -5.87 -11.05 -15.52
CA SER A 184 -5.74 -11.85 -16.72
C SER A 184 -6.70 -13.03 -16.63
N VAL A 185 -7.53 -13.24 -17.68
CA VAL A 185 -8.53 -14.30 -17.67
C VAL A 185 -8.52 -15.03 -19.01
N THR A 186 -9.05 -16.25 -18.99
CA THR A 186 -9.09 -17.04 -20.22
C THR A 186 -10.21 -16.49 -21.10
N SER A 187 -9.87 -16.30 -22.40
CA SER A 187 -10.73 -15.69 -23.41
C SER A 187 -12.13 -16.26 -23.39
N SER A 188 -12.25 -17.55 -23.03
CA SER A 188 -13.55 -18.22 -22.90
C SER A 188 -13.83 -18.53 -21.43
N SER A 189 -14.05 -17.46 -20.65
CA SER A 189 -14.59 -17.57 -19.30
C SER A 189 -15.67 -16.51 -19.15
N GLN A 190 -16.39 -16.53 -18.02
CA GLN A 190 -17.60 -15.74 -17.84
C GLN A 190 -17.24 -14.27 -17.65
N PRO A 191 -18.21 -13.33 -17.67
CA PRO A 191 -17.93 -11.90 -17.53
C PRO A 191 -17.12 -11.57 -16.28
N VAL A 192 -16.30 -10.53 -16.38
CA VAL A 192 -15.53 -10.07 -15.23
C VAL A 192 -16.06 -8.68 -14.84
N THR A 193 -16.18 -8.47 -13.51
CA THR A 193 -16.70 -7.25 -12.93
C THR A 193 -15.72 -6.75 -11.87
N CYS A 194 -15.29 -5.48 -11.94
CA CYS A 194 -14.53 -4.92 -10.85
C CYS A 194 -15.51 -4.30 -9.86
N ASN A 195 -15.28 -4.60 -8.57
CA ASN A 195 -16.10 -4.08 -7.47
C ASN A 195 -15.27 -3.09 -6.68
N VAL A 196 -15.59 -1.80 -6.82
CA VAL A 196 -14.83 -0.74 -6.18
C VAL A 196 -15.65 -0.18 -5.04
N ALA A 197 -14.99 0.12 -3.92
CA ALA A 197 -15.64 0.79 -2.81
C ALA A 197 -14.75 1.94 -2.32
N HIS A 198 -15.42 3.02 -1.88
CA HIS A 198 -14.77 4.17 -1.28
C HIS A 198 -15.41 4.39 0.09
N PRO A 199 -14.82 3.84 1.16
CA PRO A 199 -15.44 3.88 2.49
C PRO A 199 -15.79 5.27 3.00
N ALA A 200 -14.97 6.27 2.65
CA ALA A 200 -15.15 7.62 3.18
C ALA A 200 -16.50 8.19 2.77
N THR A 201 -16.95 7.90 1.55
CA THR A 201 -18.24 8.37 1.05
C THR A 201 -19.29 7.28 0.97
N ASN A 202 -18.98 6.07 1.47
N ASN A 202 -19.00 6.10 1.56
CA ASN A 202 -19.88 4.94 1.43
CA ASN A 202 -19.79 4.89 1.41
C ASN A 202 -20.35 4.68 -0.01
C ASN A 202 -20.36 4.79 -0.01
N THR A 203 -19.44 4.86 -0.98
CA THR A 203 -19.79 4.72 -2.37
C THR A 203 -19.31 3.36 -2.87
N LYS A 204 -20.19 2.66 -3.59
CA LYS A 204 -19.84 1.44 -4.29
C LYS A 204 -20.06 1.62 -5.78
N VAL A 205 -19.08 1.18 -6.57
CA VAL A 205 -19.17 1.21 -8.02
C VAL A 205 -18.70 -0.12 -8.58
N ASP A 206 -19.59 -0.81 -9.32
CA ASP A 206 -19.19 -2.04 -9.98
C ASP A 206 -19.30 -1.83 -11.49
N LYS A 207 -18.31 -2.33 -12.24
CA LYS A 207 -18.26 -2.25 -13.70
C LYS A 207 -17.92 -3.61 -14.30
N THR A 208 -18.75 -4.08 -15.23
CA THR A 208 -18.46 -5.29 -15.96
C THR A 208 -17.65 -4.88 -17.20
N VAL A 209 -16.52 -5.56 -17.44
CA VAL A 209 -15.58 -5.12 -18.44
C VAL A 209 -15.73 -6.02 -19.66
N ALA A 210 -15.97 -5.41 -20.81
CA ALA A 210 -16.06 -6.13 -22.08
C ALA A 210 -14.69 -6.71 -22.43
N PRO A 211 -14.61 -7.78 -23.24
CA PRO A 211 -13.32 -8.36 -23.62
C PRO A 211 -12.50 -7.53 -24.61
N SER A 212 -13.13 -6.54 -25.25
CA SER A 212 -12.46 -5.58 -26.10
C SER A 212 -13.36 -4.36 -26.27
N THR A 213 -12.87 -3.33 -26.97
CA THR A 213 -13.73 -2.20 -27.30
C THR A 213 -14.70 -2.52 -28.44
N CYS A 214 -14.52 -3.64 -29.16
CA CYS A 214 -15.45 -4.00 -30.22
C CYS A 214 -16.84 -4.21 -29.63
N SER A 215 -17.87 -3.73 -30.34
CA SER A 215 -19.24 -4.11 -30.06
C SER A 215 -19.42 -5.58 -30.35
N LYS A 216 -20.14 -6.27 -29.45
CA LYS A 216 -20.67 -7.59 -29.74
C LYS A 216 -21.93 -7.45 -30.59
N PRO A 217 -22.27 -8.43 -31.44
CA PRO A 217 -23.55 -8.45 -32.15
C PRO A 217 -24.79 -8.44 -31.27
N GLY A 218 -24.76 -9.18 -30.14
CA GLY A 218 -25.92 -9.25 -29.25
C GLY A 218 -25.87 -8.15 -28.19
N GLY A 219 -26.97 -8.04 -27.43
CA GLY A 219 -27.07 -7.15 -26.28
C GLY A 219 -27.50 -5.75 -26.69
N SER A 220 -27.22 -4.79 -25.79
CA SER A 220 -27.53 -3.38 -25.99
C SER A 220 -26.45 -2.74 -26.84
N HIS A 221 -26.79 -1.61 -27.47
CA HIS A 221 -25.84 -0.87 -28.30
C HIS A 221 -26.00 0.61 -28.02
N HIS A 222 -25.48 1.05 -26.87
CA HIS A 222 -25.69 2.40 -26.39
C HIS A 222 -24.55 3.33 -26.78
N HIS A 223 -23.47 2.82 -27.41
CA HIS A 223 -22.32 3.65 -27.73
C HIS A 223 -21.96 3.53 -29.21
N HIS A 224 -22.35 4.54 -29.98
CA HIS A 224 -22.06 4.64 -31.40
C HIS A 224 -20.92 5.64 -31.60
N HIS A 225 -20.19 5.47 -32.71
CA HIS A 225 -19.05 6.30 -33.05
C HIS A 225 -19.56 7.69 -33.46
N HIS A 226 -18.94 8.78 -32.95
CA HIS A 226 -19.27 10.13 -33.38
C HIS A 226 -18.04 11.03 -33.36
N ALA B 1 13.47 8.69 25.66
CA ALA B 1 14.08 9.20 24.41
C ALA B 1 14.98 8.17 23.73
N ALA B 2 14.85 6.87 24.06
CA ALA B 2 15.65 5.85 23.39
C ALA B 2 15.37 5.88 21.89
N VAL B 3 16.45 5.80 21.09
CA VAL B 3 16.39 5.80 19.64
C VAL B 3 17.02 4.52 19.11
N LEU B 4 16.44 3.96 18.04
CA LEU B 4 16.98 2.78 17.38
C LEU B 4 17.50 3.17 16.01
N THR B 5 18.71 2.72 15.70
CA THR B 5 19.40 2.97 14.45
C THR B 5 19.70 1.65 13.75
N GLN B 6 19.26 1.49 12.51
CA GLN B 6 19.47 0.26 11.75
C GLN B 6 20.36 0.49 10.53
N THR B 7 20.81 -0.64 9.96
CA THR B 7 21.48 -0.69 8.68
C THR B 7 20.82 0.28 7.72
N PRO B 8 21.61 1.17 7.08
CA PRO B 8 21.07 2.08 6.09
C PRO B 8 20.38 1.37 4.94
N SER B 9 19.35 2.03 4.44
CA SER B 9 18.52 1.56 3.35
C SER B 9 19.05 2.16 2.06
N PRO B 10 19.00 1.49 0.89
CA PRO B 10 18.55 0.10 0.77
C PRO B 10 19.70 -0.91 0.79
N VAL B 11 19.34 -2.16 1.08
CA VAL B 11 20.22 -3.30 1.02
C VAL B 11 19.84 -4.07 -0.24
N SER B 12 20.82 -4.17 -1.15
CA SER B 12 20.66 -4.95 -2.36
C SER B 12 21.27 -6.34 -2.17
N ALA B 13 20.49 -7.41 -2.33
CA ALA B 13 20.96 -8.76 -2.08
C ALA B 13 20.52 -9.74 -3.16
N ALA B 14 21.49 -10.49 -3.70
CA ALA B 14 21.24 -11.53 -4.69
C ALA B 14 20.53 -12.70 -4.04
N VAL B 15 19.56 -13.28 -4.77
CA VAL B 15 18.84 -14.45 -4.30
C VAL B 15 19.88 -15.50 -3.85
N GLY B 16 19.63 -16.12 -2.68
CA GLY B 16 20.47 -17.18 -2.16
C GLY B 16 21.60 -16.66 -1.27
N SER B 17 21.90 -15.36 -1.30
CA SER B 17 22.90 -14.79 -0.42
C SER B 17 22.31 -14.66 0.99
N THR B 18 23.11 -14.19 1.93
CA THR B 18 22.66 -14.03 3.30
C THR B 18 22.61 -12.55 3.65
N VAL B 19 21.45 -12.08 4.10
CA VAL B 19 21.32 -10.67 4.47
C VAL B 19 21.48 -10.54 5.99
N THR B 20 22.14 -9.48 6.44
CA THR B 20 22.22 -9.10 7.83
C THR B 20 21.69 -7.68 7.98
N ILE B 21 20.76 -7.49 8.91
CA ILE B 21 20.28 -6.19 9.32
C ILE B 21 20.64 -6.01 10.79
N ASN B 22 21.36 -4.93 11.06
CA ASN B 22 21.81 -4.58 12.41
C ASN B 22 20.92 -3.47 12.98
N CYS B 23 20.73 -3.54 14.32
CA CYS B 23 19.92 -2.59 15.04
C CYS B 23 20.56 -2.28 16.39
N GLN B 24 20.82 -0.98 16.61
CA GLN B 24 21.43 -0.49 17.84
C GLN B 24 20.46 0.45 18.54
N SER B 25 20.28 0.19 19.84
CA SER B 25 19.44 0.99 20.71
C SER B 25 20.32 1.89 21.59
N SER B 26 19.99 3.18 21.65
CA SER B 26 20.72 4.17 22.42
C SER B 26 20.66 3.87 23.93
N GLN B 27 19.67 3.11 24.38
CA GLN B 27 19.53 2.62 25.76
C GLN B 27 19.13 1.14 25.71
N SER B 28 19.48 0.36 26.77
CA SER B 28 19.06 -1.03 26.85
C SER B 28 17.56 -1.12 26.76
N VAL B 29 17.09 -2.09 25.98
CA VAL B 29 15.66 -2.39 25.95
C VAL B 29 15.31 -3.03 27.28
N TYR B 30 14.02 -2.98 27.60
CA TYR B 30 13.54 -3.52 28.87
C TYR B 30 13.95 -4.99 28.99
N SER B 31 14.48 -5.33 30.18
CA SER B 31 14.92 -6.68 30.48
C SER B 31 15.88 -7.26 29.41
N LYS B 32 16.49 -6.40 28.59
CA LYS B 32 17.53 -6.79 27.64
C LYS B 32 17.01 -7.45 26.38
N ASN B 33 15.77 -7.95 26.39
CA ASN B 33 15.32 -8.72 25.25
C ASN B 33 13.94 -8.31 24.72
N TRP B 34 13.34 -7.20 25.20
CA TRP B 34 12.13 -6.66 24.57
C TRP B 34 12.48 -5.91 23.29
N LEU B 35 12.64 -6.71 22.23
CA LEU B 35 13.07 -6.27 20.92
C LEU B 35 12.41 -7.21 19.92
N SER B 36 11.58 -6.63 19.03
CA SER B 36 10.94 -7.36 17.98
C SER B 36 11.50 -6.91 16.64
N TRP B 37 11.35 -7.82 15.66
CA TRP B 37 11.59 -7.49 14.28
C TRP B 37 10.31 -7.61 13.48
N PHE B 38 10.06 -6.59 12.67
CA PHE B 38 8.88 -6.50 11.81
C PHE B 38 9.28 -6.51 10.33
N GLN B 39 8.49 -7.23 9.52
CA GLN B 39 8.56 -7.20 8.06
C GLN B 39 7.35 -6.46 7.50
N GLN B 40 7.58 -5.58 6.53
CA GLN B 40 6.48 -4.93 5.85
C GLN B 40 6.73 -4.85 4.34
N LYS B 41 5.73 -5.27 3.56
CA LYS B 41 5.72 -5.09 2.10
C LYS B 41 4.81 -3.91 1.74
N PRO B 42 5.17 -3.12 0.71
CA PRO B 42 4.39 -1.93 0.34
C PRO B 42 2.94 -2.34 0.15
N GLY B 43 2.06 -1.58 0.79
CA GLY B 43 0.62 -1.74 0.63
C GLY B 43 0.03 -2.77 1.59
N GLN B 44 0.84 -3.27 2.55
CA GLN B 44 0.39 -4.24 3.54
C GLN B 44 0.82 -3.76 4.93
N PRO B 45 0.16 -4.24 6.01
CA PRO B 45 0.54 -3.88 7.38
C PRO B 45 1.80 -4.66 7.78
N PRO B 46 2.50 -4.20 8.82
CA PRO B 46 3.72 -4.87 9.24
C PRO B 46 3.36 -6.17 9.93
N LYS B 47 4.26 -7.16 9.82
CA LYS B 47 4.09 -8.47 10.44
C LYS B 47 5.31 -8.71 11.33
N GLN B 48 5.07 -9.13 12.58
CA GLN B 48 6.15 -9.46 13.48
C GLN B 48 6.78 -10.77 13.04
N LEU B 49 8.10 -10.76 12.87
CA LEU B 49 8.83 -11.97 12.54
C LEU B 49 9.47 -12.60 13.78
N ILE B 50 9.96 -11.74 14.68
CA ILE B 50 10.78 -12.12 15.80
C ILE B 50 10.30 -11.29 16.98
N TYR B 51 10.12 -11.92 18.14
CA TYR B 51 9.96 -11.19 19.40
C TYR B 51 10.94 -11.80 20.43
N SER B 52 11.12 -11.08 21.54
CA SER B 52 12.01 -11.46 22.61
C SER B 52 13.43 -11.61 22.05
N ALA B 53 13.75 -10.78 21.03
CA ALA B 53 15.07 -10.73 20.38
C ALA B 53 15.34 -11.92 19.47
N SER B 54 14.92 -13.12 19.86
CA SER B 54 15.33 -14.32 19.16
C SER B 54 14.24 -15.37 18.97
N THR B 55 13.00 -15.11 19.38
CA THR B 55 11.95 -16.09 19.20
C THR B 55 11.25 -15.84 17.87
N LEU B 56 11.25 -16.85 17.00
CA LEU B 56 10.52 -16.78 15.74
C LEU B 56 9.03 -16.82 16.02
N ASP B 57 8.29 -15.88 15.42
CA ASP B 57 6.84 -15.96 15.44
C ASP B 57 6.36 -17.16 14.62
N SER B 58 5.12 -17.58 14.95
CA SER B 58 4.44 -18.70 14.30
C SER B 58 4.45 -18.54 12.80
N GLY B 59 4.90 -19.61 12.11
CA GLY B 59 4.78 -19.70 10.67
C GLY B 59 5.87 -18.93 9.95
N VAL B 60 6.75 -18.25 10.67
CA VAL B 60 7.82 -17.52 10.02
C VAL B 60 8.90 -18.50 9.56
N PRO B 61 9.36 -18.42 8.29
CA PRO B 61 10.38 -19.33 7.77
C PRO B 61 11.69 -19.37 8.56
N SER B 62 12.25 -20.58 8.64
CA SER B 62 13.55 -20.86 9.27
C SER B 62 14.70 -20.00 8.75
N ARG B 63 14.54 -19.37 7.57
CA ARG B 63 15.50 -18.46 6.96
C ARG B 63 15.84 -17.27 7.86
N PHE B 64 14.91 -16.90 8.76
CA PHE B 64 15.07 -15.75 9.65
C PHE B 64 15.62 -16.18 11.00
N SER B 65 16.56 -15.37 11.50
CA SER B 65 17.14 -15.55 12.80
C SER B 65 17.44 -14.20 13.46
N GLY B 66 16.96 -14.05 14.70
CA GLY B 66 17.27 -12.91 15.52
C GLY B 66 18.27 -13.25 16.61
N SER B 67 19.17 -12.31 16.87
CA SER B 67 20.19 -12.46 17.90
C SER B 67 20.45 -11.10 18.55
N GLY B 68 21.16 -11.15 19.69
CA GLY B 68 21.64 -9.95 20.33
C GLY B 68 20.95 -9.76 21.68
N SER B 69 21.33 -8.69 22.39
CA SER B 69 20.86 -8.44 23.74
C SER B 69 21.21 -7.00 24.11
N GLY B 70 20.40 -6.41 25.00
CA GLY B 70 20.71 -5.08 25.52
C GLY B 70 20.49 -3.97 24.51
N THR B 71 21.55 -3.60 23.80
CA THR B 71 21.59 -2.47 22.89
C THR B 71 21.95 -2.89 21.47
N GLN B 72 22.33 -4.15 21.25
CA GLN B 72 22.84 -4.56 19.94
C GLN B 72 22.10 -5.80 19.48
N PHE B 73 21.47 -5.69 18.29
CA PHE B 73 20.61 -6.74 17.77
C PHE B 73 20.86 -6.93 16.28
N THR B 74 20.61 -8.16 15.81
CA THR B 74 20.84 -8.53 14.42
C THR B 74 19.66 -9.40 13.98
N LEU B 75 19.19 -9.18 12.75
CA LEU B 75 18.31 -10.08 12.01
C LEU B 75 19.11 -10.60 10.81
N THR B 76 19.11 -11.91 10.59
CA THR B 76 19.75 -12.46 9.41
C THR B 76 18.70 -13.21 8.61
N ILE B 77 18.89 -13.16 7.28
CA ILE B 77 18.07 -13.90 6.35
C ILE B 77 18.99 -14.79 5.55
N SER B 78 18.90 -16.08 5.86
CA SER B 78 19.72 -17.12 5.27
C SER B 78 19.14 -17.53 3.92
N GLY B 79 19.96 -17.47 2.87
CA GLY B 79 19.49 -17.85 1.54
C GLY B 79 18.27 -17.03 1.10
N VAL B 80 18.45 -15.71 1.05
CA VAL B 80 17.33 -14.78 0.84
C VAL B 80 16.58 -15.14 -0.44
N GLN B 81 15.23 -15.04 -0.37
CA GLN B 81 14.34 -15.38 -1.46
C GLN B 81 13.54 -14.13 -1.86
N CYS B 82 12.95 -14.17 -3.06
CA CYS B 82 12.10 -13.09 -3.54
C CYS B 82 10.99 -12.73 -2.56
N ASP B 83 10.45 -13.72 -1.84
CA ASP B 83 9.41 -13.50 -0.85
C ASP B 83 9.90 -12.62 0.31
N ASP B 84 11.23 -12.43 0.42
CA ASP B 84 11.83 -11.71 1.55
C ASP B 84 12.07 -10.24 1.20
N ALA B 85 11.79 -9.84 -0.06
CA ALA B 85 11.84 -8.42 -0.42
C ALA B 85 10.78 -7.67 0.37
N ALA B 86 11.25 -6.68 1.16
CA ALA B 86 10.42 -6.02 2.15
C ALA B 86 11.28 -4.99 2.88
N THR B 87 10.63 -4.17 3.69
CA THR B 87 11.33 -3.31 4.64
C THR B 87 11.22 -3.96 6.03
N TYR B 88 12.37 -4.01 6.71
CA TYR B 88 12.46 -4.57 8.06
C TYR B 88 12.69 -3.48 9.09
N TYR B 89 11.95 -3.61 10.21
CA TYR B 89 12.08 -2.67 11.32
C TYR B 89 12.38 -3.45 12.59
N CYS B 90 13.36 -2.96 13.35
CA CYS B 90 13.49 -3.33 14.75
C CYS B 90 12.59 -2.42 15.57
N GLN B 91 12.12 -2.98 16.67
CA GLN B 91 11.18 -2.36 17.58
C GLN B 91 11.60 -2.71 19.01
N GLY B 92 11.88 -1.68 19.79
CA GLY B 92 12.27 -1.83 21.19
C GLY B 92 11.19 -1.29 22.12
N THR B 93 11.10 -1.91 23.30
CA THR B 93 10.29 -1.40 24.39
C THR B 93 11.19 -1.13 25.60
N TYR B 94 10.89 -0.03 26.30
CA TYR B 94 11.61 0.51 27.44
C TYR B 94 10.66 0.67 28.62
N GLY B 95 11.16 1.37 29.67
CA GLY B 95 10.42 1.55 30.92
C GLY B 95 9.16 2.39 30.75
N ASP B 96 9.20 3.35 29.82
CA ASP B 96 8.12 4.30 29.66
C ASP B 96 7.80 4.67 28.20
N ALA B 97 8.20 3.81 27.26
CA ALA B 97 7.95 4.08 25.85
C ALA B 97 8.32 2.86 25.02
N SER B 98 7.92 2.91 23.75
CA SER B 98 8.41 1.99 22.73
C SER B 98 8.90 2.83 21.57
N ALA B 99 9.66 2.21 20.66
CA ALA B 99 10.16 2.89 19.47
C ALA B 99 10.45 1.89 18.37
N PHE B 100 10.56 2.41 17.14
CA PHE B 100 10.94 1.64 15.95
C PHE B 100 12.23 2.23 15.39
N GLY B 101 13.10 1.37 14.84
CA GLY B 101 14.17 1.82 13.96
C GLY B 101 13.64 2.48 12.69
N GLY B 102 14.53 3.08 11.88
CA GLY B 102 14.13 3.77 10.66
C GLY B 102 13.67 2.83 9.54
N GLY B 103 13.94 1.54 9.68
CA GLY B 103 13.63 0.58 8.62
C GLY B 103 14.82 0.38 7.70
N THR B 104 14.96 -0.88 7.23
CA THR B 104 15.94 -1.24 6.23
C THR B 104 15.21 -1.98 5.11
N GLU B 105 15.20 -1.36 3.93
CA GLU B 105 14.60 -1.94 2.73
C GLU B 105 15.56 -2.94 2.11
N VAL B 106 15.08 -4.17 1.89
CA VAL B 106 15.85 -5.21 1.23
C VAL B 106 15.26 -5.45 -0.15
N VAL B 107 16.11 -5.18 -1.16
CA VAL B 107 15.75 -5.34 -2.56
C VAL B 107 16.48 -6.59 -3.05
N VAL B 108 15.72 -7.59 -3.50
CA VAL B 108 16.27 -8.89 -3.84
C VAL B 108 16.48 -8.98 -5.35
N LYS B 109 17.72 -9.24 -5.76
CA LYS B 109 18.09 -9.37 -7.16
C LYS B 109 17.88 -10.80 -7.61
N GLY B 110 16.90 -10.99 -8.50
CA GLY B 110 16.62 -12.30 -9.06
C GLY B 110 17.00 -12.35 -10.54
N ASP B 111 16.41 -13.32 -11.24
CA ASP B 111 16.76 -13.59 -12.62
C ASP B 111 16.07 -12.58 -13.52
N PRO B 112 16.77 -11.99 -14.50
CA PRO B 112 16.16 -10.99 -15.39
C PRO B 112 15.07 -11.58 -16.28
N VAL B 113 14.00 -10.76 -16.46
CA VAL B 113 12.83 -11.05 -17.27
C VAL B 113 12.51 -9.77 -18.03
N ALA B 114 12.27 -9.90 -19.35
CA ALA B 114 11.82 -8.80 -20.17
C ALA B 114 10.33 -8.58 -19.95
N PRO B 115 9.86 -7.32 -19.97
CA PRO B 115 8.44 -7.02 -19.85
C PRO B 115 7.68 -7.40 -21.11
N THR B 116 6.38 -7.70 -20.94
CA THR B 116 5.41 -7.57 -21.99
C THR B 116 4.61 -6.31 -21.70
N VAL B 117 3.95 -5.78 -22.75
CA VAL B 117 3.29 -4.50 -22.64
C VAL B 117 1.86 -4.61 -23.16
N LEU B 118 0.95 -3.97 -22.42
CA LEU B 118 -0.45 -3.84 -22.82
C LEU B 118 -0.82 -2.37 -22.87
N ILE B 119 -1.71 -2.01 -23.80
CA ILE B 119 -2.19 -0.64 -23.84
C ILE B 119 -3.70 -0.69 -23.88
N PHE B 120 -4.34 0.28 -23.21
CA PHE B 120 -5.79 0.29 -23.08
C PHE B 120 -6.33 1.68 -23.44
N PRO B 121 -7.10 1.77 -24.53
CA PRO B 121 -7.68 3.05 -24.94
C PRO B 121 -8.74 3.46 -23.93
N PRO B 122 -9.17 4.72 -23.94
CA PRO B 122 -10.29 5.12 -23.10
C PRO B 122 -11.59 4.54 -23.62
N SER B 123 -12.46 4.11 -22.71
CA SER B 123 -13.82 3.75 -23.07
C SER B 123 -14.56 4.97 -23.62
N ALA B 124 -15.65 4.71 -24.37
CA ALA B 124 -16.52 5.76 -24.84
C ALA B 124 -16.96 6.64 -23.66
N ASP B 125 -17.31 6.00 -22.54
CA ASP B 125 -17.79 6.73 -21.38
C ASP B 125 -16.71 7.60 -20.73
N LEU B 126 -15.43 7.22 -20.87
CA LEU B 126 -14.34 8.06 -20.37
C LEU B 126 -14.11 9.25 -21.30
N VAL B 127 -14.14 8.99 -22.61
CA VAL B 127 -14.00 10.07 -23.56
C VAL B 127 -15.09 11.10 -23.33
N ALA B 128 -16.30 10.63 -22.96
CA ALA B 128 -17.43 11.53 -22.76
C ALA B 128 -17.23 12.48 -21.58
N THR B 129 -16.29 12.18 -20.68
CA THR B 129 -16.08 13.02 -19.51
C THR B 129 -15.37 14.31 -19.92
N GLY B 130 -14.71 14.32 -21.09
CA GLY B 130 -13.89 15.47 -21.47
C GLY B 130 -12.40 15.32 -21.14
N THR B 131 -12.03 14.33 -20.31
CA THR B 131 -10.64 14.09 -19.97
C THR B 131 -10.33 12.60 -20.21
N VAL B 132 -9.42 12.35 -21.15
CA VAL B 132 -9.01 10.99 -21.46
C VAL B 132 -7.82 10.58 -20.61
N THR B 133 -7.84 9.33 -20.18
CA THR B 133 -6.70 8.64 -19.59
C THR B 133 -6.45 7.39 -20.43
N ILE B 134 -5.23 7.20 -20.89
CA ILE B 134 -4.82 6.01 -21.62
C ILE B 134 -3.87 5.25 -20.70
N VAL B 135 -4.07 3.94 -20.58
CA VAL B 135 -3.37 3.16 -19.59
C VAL B 135 -2.47 2.17 -20.30
N CYS B 136 -1.20 2.18 -19.89
CA CYS B 136 -0.22 1.17 -20.29
C CYS B 136 0.21 0.34 -19.09
N VAL B 137 0.39 -0.98 -19.28
CA VAL B 137 0.92 -1.85 -18.23
C VAL B 137 2.17 -2.55 -18.75
N ALA B 138 3.25 -2.51 -17.97
CA ALA B 138 4.40 -3.34 -18.22
C ALA B 138 4.39 -4.48 -17.20
N ASN B 139 4.30 -5.72 -17.69
CA ASN B 139 4.07 -6.91 -16.89
C ASN B 139 5.37 -7.68 -16.63
N LYS B 140 5.55 -8.06 -15.36
CA LYS B 140 6.42 -9.13 -14.91
C LYS B 140 7.82 -8.95 -15.47
N TYR B 141 8.52 -7.95 -14.95
CA TYR B 141 9.84 -7.65 -15.47
C TYR B 141 10.86 -7.41 -14.35
N PHE B 142 12.14 -7.59 -14.73
CA PHE B 142 13.26 -7.32 -13.84
C PHE B 142 14.51 -7.30 -14.72
N PRO B 143 15.43 -6.30 -14.64
CA PRO B 143 15.34 -5.17 -13.71
C PRO B 143 14.39 -4.07 -14.19
N ASP B 144 14.52 -2.86 -13.59
CA ASP B 144 13.62 -1.75 -13.84
C ASP B 144 13.63 -1.31 -15.31
N VAL B 145 12.58 -0.60 -15.72
CA VAL B 145 12.40 -0.13 -17.07
C VAL B 145 12.15 1.37 -17.06
N THR B 146 12.20 1.97 -18.25
CA THR B 146 11.73 3.32 -18.44
C THR B 146 10.60 3.23 -19.50
N VAL B 147 9.64 4.18 -19.44
CA VAL B 147 8.47 4.19 -20.30
C VAL B 147 8.40 5.55 -20.98
N THR B 148 8.09 5.53 -22.27
CA THR B 148 7.71 6.77 -22.95
C THR B 148 6.39 6.54 -23.69
N TRP B 149 5.76 7.65 -24.02
CA TRP B 149 4.52 7.68 -24.78
C TRP B 149 4.76 8.39 -26.09
N GLU B 150 4.24 7.81 -27.18
CA GLU B 150 4.28 8.46 -28.47
C GLU B 150 2.86 8.64 -29.00
N VAL B 151 2.62 9.85 -29.51
CA VAL B 151 1.37 10.25 -30.10
C VAL B 151 1.69 10.66 -31.52
N ASP B 152 1.14 9.94 -32.48
CA ASP B 152 1.54 10.07 -33.87
C ASP B 152 3.05 10.07 -33.99
N GLY B 153 3.70 9.16 -33.26
CA GLY B 153 5.14 9.00 -33.33
C GLY B 153 5.95 9.97 -32.46
N THR B 154 5.31 10.98 -31.88
CA THR B 154 6.02 12.03 -31.16
C THR B 154 6.02 11.74 -29.67
N THR B 155 7.22 11.73 -29.06
CA THR B 155 7.38 11.42 -27.65
C THR B 155 6.79 12.57 -26.82
N GLN B 156 5.97 12.19 -25.83
CA GLN B 156 5.35 13.16 -24.92
C GLN B 156 6.21 13.46 -23.70
N THR B 157 5.94 14.60 -23.08
CA THR B 157 6.64 15.00 -21.87
CA THR B 157 6.64 14.97 -21.86
C THR B 157 5.66 15.14 -20.71
N THR B 158 4.53 15.81 -20.92
CA THR B 158 3.63 16.11 -19.82
C THR B 158 2.44 15.16 -19.80
N GLY B 159 1.76 15.08 -18.66
CA GLY B 159 0.54 14.28 -18.56
C GLY B 159 0.78 12.79 -18.31
N ILE B 160 1.99 12.42 -17.86
CA ILE B 160 2.38 11.01 -17.65
C ILE B 160 2.54 10.73 -16.16
N GLU B 161 1.90 9.66 -15.67
CA GLU B 161 2.12 9.22 -14.30
C GLU B 161 2.34 7.71 -14.29
N ASN B 162 3.25 7.29 -13.41
CA ASN B 162 3.70 5.92 -13.34
C ASN B 162 3.54 5.42 -11.91
N SER B 163 3.18 4.14 -11.76
CA SER B 163 3.04 3.45 -10.49
C SER B 163 3.53 2.01 -10.60
N LYS B 164 4.33 1.55 -9.64
CA LYS B 164 4.99 0.26 -9.76
C LYS B 164 4.58 -0.64 -8.61
N THR B 165 4.24 -1.90 -8.90
CA THR B 165 3.89 -2.88 -7.88
C THR B 165 5.18 -3.28 -7.16
N PRO B 166 5.12 -3.71 -5.87
CA PRO B 166 6.31 -4.26 -5.22
C PRO B 166 6.80 -5.57 -5.85
N GLN B 167 8.05 -5.95 -5.54
CA GLN B 167 8.61 -7.17 -6.06
C GLN B 167 7.72 -8.38 -5.78
N ASN B 168 7.53 -9.20 -6.81
CA ASN B 168 6.73 -10.41 -6.77
C ASN B 168 7.38 -11.43 -5.85
N SER B 169 6.55 -12.05 -5.01
CA SER B 169 7.04 -12.91 -3.96
C SER B 169 7.68 -14.18 -4.52
N ALA B 170 7.30 -14.60 -5.75
CA ALA B 170 7.84 -15.81 -6.38
C ALA B 170 9.07 -15.48 -7.20
N ASP B 171 9.06 -14.41 -8.00
CA ASP B 171 10.07 -14.29 -9.04
C ASP B 171 10.78 -12.93 -9.02
N CYS B 172 10.51 -12.10 -7.99
CA CYS B 172 11.19 -10.82 -7.79
C CYS B 172 10.78 -9.73 -8.79
N THR B 173 9.86 -10.02 -9.73
CA THR B 173 9.56 -9.06 -10.79
C THR B 173 8.66 -7.94 -10.31
N TYR B 174 8.73 -6.83 -11.06
CA TYR B 174 7.83 -5.70 -10.93
C TYR B 174 6.74 -5.72 -12.01
N ASN B 175 5.69 -4.95 -11.76
CA ASN B 175 4.73 -4.53 -12.78
C ASN B 175 4.62 -3.01 -12.73
N LEU B 176 4.29 -2.38 -13.86
CA LEU B 176 4.21 -0.93 -13.91
C LEU B 176 2.95 -0.51 -14.64
N SER B 177 2.22 0.46 -14.06
CA SER B 177 1.20 1.19 -14.79
C SER B 177 1.80 2.53 -15.19
N SER B 178 1.49 2.96 -16.42
CA SER B 178 1.83 4.28 -16.95
C SER B 178 0.56 4.85 -17.60
N THR B 179 0.20 6.09 -17.27
CA THR B 179 -1.00 6.68 -17.82
C THR B 179 -0.63 7.99 -18.49
N LEU B 180 -1.32 8.24 -19.59
CA LEU B 180 -1.23 9.51 -20.29
C LEU B 180 -2.59 10.17 -20.22
N THR B 181 -2.62 11.41 -19.71
CA THR B 181 -3.89 12.14 -19.59
C THR B 181 -3.87 13.31 -20.56
N LEU B 182 -4.98 13.50 -21.29
CA LEU B 182 -5.13 14.58 -22.27
C LEU B 182 -6.59 14.98 -22.23
N THR B 183 -6.92 16.14 -22.81
CA THR B 183 -8.33 16.45 -23.02
C THR B 183 -8.90 15.52 -24.09
N SER B 184 -10.22 15.30 -24.09
CA SER B 184 -10.84 14.50 -25.15
C SER B 184 -10.62 15.14 -26.53
N THR B 185 -10.64 16.50 -26.61
CA THR B 185 -10.33 17.22 -27.82
C THR B 185 -8.90 16.86 -28.30
N GLN B 186 -7.92 16.87 -27.41
CA GLN B 186 -6.54 16.52 -27.77
C GLN B 186 -6.50 15.07 -28.28
N TYR B 187 -7.19 14.18 -27.55
CA TYR B 187 -7.23 12.77 -27.89
C TYR B 187 -7.74 12.56 -29.31
N ASN B 188 -8.84 13.23 -29.62
CA ASN B 188 -9.51 13.11 -30.91
C ASN B 188 -8.73 13.77 -32.04
N SER B 189 -7.65 14.50 -31.73
CA SER B 189 -6.87 15.23 -32.71
C SER B 189 -5.68 14.40 -33.21
N HIS B 190 -5.46 13.21 -32.64
CA HIS B 190 -4.37 12.34 -33.05
C HIS B 190 -4.90 10.95 -33.35
N LYS B 191 -4.09 10.15 -34.05
N LYS B 191 -4.06 10.17 -34.03
CA LYS B 191 -4.49 8.80 -34.44
CA LYS B 191 -4.40 8.84 -34.52
C LYS B 191 -3.76 7.75 -33.62
C LYS B 191 -3.76 7.78 -33.65
N GLU B 192 -2.42 7.72 -33.65
CA GLU B 192 -1.69 6.58 -33.09
C GLU B 192 -1.23 6.89 -31.66
N TYR B 193 -1.46 5.94 -30.74
CA TYR B 193 -1.00 6.04 -29.36
C TYR B 193 -0.14 4.81 -29.03
N THR B 194 1.10 5.09 -28.57
CA THR B 194 2.11 4.08 -28.36
C THR B 194 2.68 4.19 -26.95
N CYS B 195 2.76 3.05 -26.28
CA CYS B 195 3.48 2.89 -25.04
C CYS B 195 4.76 2.11 -25.35
N LYS B 196 5.90 2.71 -25.04
CA LYS B 196 7.21 2.09 -25.29
C LYS B 196 7.95 1.88 -23.98
N VAL B 197 8.25 0.60 -23.68
CA VAL B 197 8.94 0.25 -22.45
C VAL B 197 10.35 -0.26 -22.78
N THR B 198 11.35 0.40 -22.18
CA THR B 198 12.75 0.15 -22.44
C THR B 198 13.40 -0.47 -21.20
N GLN B 199 14.11 -1.58 -21.40
CA GLN B 199 14.85 -2.29 -20.37
C GLN B 199 16.26 -2.48 -20.93
N GLY B 200 17.19 -1.59 -20.56
CA GLY B 200 18.51 -1.59 -21.16
C GLY B 200 18.46 -1.21 -22.65
N THR B 201 18.90 -2.14 -23.51
CA THR B 201 18.96 -1.88 -24.95
C THR B 201 17.71 -2.43 -25.64
N THR B 202 16.87 -3.17 -24.90
CA THR B 202 15.68 -3.78 -25.45
C THR B 202 14.47 -2.88 -25.24
N SER B 203 13.59 -2.83 -26.23
CA SER B 203 12.33 -2.09 -26.14
C SER B 203 11.18 -3.03 -26.51
N VAL B 204 10.05 -2.84 -25.85
CA VAL B 204 8.82 -3.48 -26.21
C VAL B 204 7.79 -2.35 -26.43
N VAL B 205 6.97 -2.48 -27.47
CA VAL B 205 6.02 -1.46 -27.85
C VAL B 205 4.63 -2.07 -28.02
N GLN B 206 3.61 -1.35 -27.57
CA GLN B 206 2.23 -1.66 -27.90
C GLN B 206 1.52 -0.36 -28.27
N SER B 207 0.70 -0.43 -29.33
CA SER B 207 0.06 0.70 -29.94
C SER B 207 -1.42 0.42 -30.19
N PHE B 208 -2.21 1.48 -30.33
CA PHE B 208 -3.51 1.42 -30.97
C PHE B 208 -3.69 2.69 -31.77
N ASN B 209 -4.58 2.59 -32.78
CA ASN B 209 -5.04 3.77 -33.50
C ASN B 209 -6.45 4.08 -33.01
N ARG B 210 -6.68 5.33 -32.62
CA ARG B 210 -7.92 5.80 -32.04
C ARG B 210 -9.12 5.33 -32.85
N GLY B 211 -9.03 5.50 -34.17
CA GLY B 211 -10.18 5.24 -35.03
C GLY B 211 -10.54 3.76 -35.20
N ASP B 212 -9.68 2.86 -34.71
CA ASP B 212 -9.93 1.42 -34.81
C ASP B 212 -10.80 0.92 -33.66
N CYS B 213 -10.85 1.65 -32.54
CA CYS B 213 -11.41 1.10 -31.32
C CYS B 213 -12.96 1.14 -31.30
N PRO C 1 -3.38 -11.24 35.74
CA PRO C 1 -2.04 -10.69 35.65
C PRO C 1 -1.89 -9.78 34.44
N ILE C 2 -0.74 -9.12 34.35
CA ILE C 2 -0.51 -8.17 33.28
C ILE C 2 0.65 -8.63 32.39
N TYS C 3 0.69 -8.10 31.16
CA TYS C 3 1.74 -8.42 30.22
CB TYS C 3 1.10 -8.94 28.95
CG TYS C 3 0.62 -10.36 29.09
CD1 TYS C 3 1.46 -11.44 28.83
CD2 TYS C 3 -0.66 -10.62 29.55
CE1 TYS C 3 1.05 -12.75 29.04
CE2 TYS C 3 -1.09 -11.93 29.71
CZ TYS C 3 -0.26 -12.95 29.38
OH TYS C 3 -0.79 -14.28 29.57
S TYS C 3 -0.36 -15.16 30.81
O1 TYS C 3 -1.19 -14.44 31.74
O2 TYS C 3 1.03 -15.07 31.09
O3 TYS C 3 -0.82 -16.47 30.49
C TYS C 3 2.67 -7.23 29.97
O TYS C 3 3.75 -7.44 29.43
N ASP C 4 2.28 -6.03 30.37
CA ASP C 4 3.09 -4.80 30.20
C ASP C 4 3.92 -4.53 31.47
N ILE C 5 4.68 -5.53 31.95
CA ILE C 5 5.52 -5.37 33.13
C ILE C 5 6.61 -4.31 32.91
N ASN C 6 6.90 -3.97 31.65
CA ASN C 6 7.89 -2.93 31.34
C ASN C 6 7.52 -1.59 32.00
N TYS C 7 6.21 -1.29 32.17
CA TYS C 7 5.80 -0.01 32.70
CB TYS C 7 4.40 0.31 32.18
CG TYS C 7 4.30 0.72 30.73
CD1 TYS C 7 5.16 1.65 30.19
CD2 TYS C 7 3.32 0.21 29.91
CE1 TYS C 7 5.06 2.06 28.87
CE2 TYS C 7 3.19 0.62 28.59
CZ TYS C 7 4.12 1.45 28.08
OH TYS C 7 3.98 1.90 26.74
S TYS C 7 4.43 0.82 25.65
O1 TYS C 7 4.38 1.53 24.39
O2 TYS C 7 3.48 -0.25 25.75
O3 TYS C 7 5.77 0.43 26.05
C TYS C 7 5.77 0.06 34.24
O TYS C 7 5.48 1.12 34.76
N TYS C 8 6.01 -1.06 34.95
CA TYS C 8 5.76 -1.12 36.38
CB TYS C 8 4.59 -2.08 36.66
CG TYS C 8 3.30 -1.56 36.09
CD1 TYS C 8 2.93 -1.85 34.79
CD2 TYS C 8 2.51 -0.66 36.81
CE1 TYS C 8 1.76 -1.34 34.23
CE2 TYS C 8 1.35 -0.13 36.27
CZ TYS C 8 1.05 -0.42 34.95
OH TYS C 8 -0.14 0.13 34.38
S TYS C 8 0.02 1.61 33.84
O1 TYS C 8 1.10 1.53 32.91
O2 TYS C 8 -1.25 1.86 33.19
O3 TYS C 8 0.32 2.50 34.96
C TYS C 8 7.02 -1.53 37.14
O TYS C 8 7.85 -2.30 36.65
N THR C 9 7.19 -1.01 38.37
CA THR C 9 8.19 -1.55 39.32
C THR C 9 7.44 -2.19 40.48
N SER C 10 8.14 -3.08 41.17
CA SER C 10 7.59 -3.85 42.28
C SER C 10 7.27 -2.98 43.49
N GLU C 11 8.03 -1.89 43.69
CA GLU C 11 8.01 -1.15 44.95
C GLU C 11 8.76 0.18 44.80
#